data_6T22
#
_entry.id   6T22
#
_cell.length_a   113.417
_cell.length_b   113.417
_cell.length_c   156.367
_cell.angle_alpha   90.000
_cell.angle_beta   90.000
_cell.angle_gamma   120.000
#
_symmetry.space_group_name_H-M   'P 61 2 2'
#
loop_
_entity.id
_entity.type
_entity.pdbx_description
1 polymer 'EcoKMcrA modification dependent restriction endonuclease'
2 polymer "DNA (5'-D(*TP*CP*AP*TP*(5HC)P*GP*AP*TP*TP*C)-3')"
3 polymer "DNA (5'-D(*GP*AP*AP*TP*(5HC)P*GP*AP*TP*GP*A)-3')"
4 water water
#
loop_
_entity_poly.entity_id
_entity_poly.type
_entity_poly.pdbx_seq_one_letter_code
_entity_poly.pdbx_strand_id
1 'polypeptide(L)'
;GHHHHHHEFMHVFDNNGIELKAECSIGEEDGVYGLILESWGPGDRNKDYNIALDYIIERLVDSGVSQVVVYLASSSVRKH
MHSLDERKIHPGEYFTLIGNSPRDIRLKMCGYQAYFSRTGRKEIPSGNRTKRILINVPGIYSDSFWASIIRG
;
A,B
2 'polydeoxyribonucleotide' (DT)(DC)(DA)(DT)(5HC)(DG)(DA)(DT)(DT)(DC) C,E
3 'polydeoxyribonucleotide' (DG)(DA)(DA)(DT)(5HC)(DG)(DA)(DT)(DG)(DA) D,F
#
# COMPACT_ATOMS: atom_id res chain seq x y z
N GLU A 8 -8.46 19.30 -10.18
CA GLU A 8 -8.25 18.22 -9.16
C GLU A 8 -7.50 17.04 -9.80
N PHE A 9 -7.85 16.66 -11.04
CA PHE A 9 -7.16 15.63 -11.84
C PHE A 9 -6.32 16.28 -12.95
N MET A 10 -5.16 15.70 -13.23
CA MET A 10 -4.37 15.99 -14.46
C MET A 10 -4.92 15.13 -15.60
N HIS A 11 -4.55 15.45 -16.84
CA HIS A 11 -4.99 14.72 -18.05
C HIS A 11 -3.77 14.41 -18.91
N VAL A 12 -3.87 13.35 -19.71
CA VAL A 12 -2.92 13.04 -20.82
C VAL A 12 -3.33 13.89 -22.03
N PHE A 13 -2.35 14.48 -22.72
CA PHE A 13 -2.53 15.31 -23.94
C PHE A 13 -2.02 14.52 -25.15
N ASP A 14 -2.70 14.66 -26.29
CA ASP A 14 -2.34 13.99 -27.58
C ASP A 14 -1.17 14.75 -28.21
N ASN A 15 -0.74 14.29 -29.40
N ASN A 15 -0.73 14.30 -29.40
CA ASN A 15 0.48 14.76 -30.12
CA ASN A 15 0.50 14.79 -30.08
C ASN A 15 0.32 16.23 -30.53
C ASN A 15 0.32 16.24 -30.55
N ASN A 16 -0.91 16.71 -30.72
CA ASN A 16 -1.21 18.10 -31.15
C ASN A 16 -1.50 19.02 -29.95
N GLY A 17 -1.36 18.53 -28.71
CA GLY A 17 -1.54 19.32 -27.48
C GLY A 17 -2.99 19.43 -27.05
N ILE A 18 -3.87 18.56 -27.56
CA ILE A 18 -5.31 18.50 -27.19
C ILE A 18 -5.49 17.58 -25.96
N GLU A 19 -6.28 18.03 -25.00
CA GLU A 19 -6.60 17.31 -23.75
C GLU A 19 -7.43 16.07 -24.10
N LEU A 20 -6.97 14.89 -23.71
CA LEU A 20 -7.75 13.63 -23.87
C LEU A 20 -8.72 13.49 -22.69
N LYS A 21 -9.79 12.73 -22.88
CA LYS A 21 -10.69 12.28 -21.78
C LYS A 21 -9.99 11.13 -21.06
N ALA A 22 -8.98 11.46 -20.27
CA ALA A 22 -8.10 10.49 -19.58
C ALA A 22 -7.49 11.17 -18.35
N GLU A 23 -8.19 11.11 -17.23
CA GLU A 23 -7.74 11.63 -15.92
C GLU A 23 -6.58 10.78 -15.43
N CYS A 24 -5.57 11.43 -14.86
CA CYS A 24 -4.41 10.77 -14.25
C CYS A 24 -3.89 11.65 -13.10
N SER A 25 -2.96 11.13 -12.31
CA SER A 25 -2.32 11.83 -11.19
C SER A 25 -0.89 11.30 -11.04
N ILE A 26 -0.01 12.14 -10.51
CA ILE A 26 1.42 11.82 -10.28
C ILE A 26 1.65 11.89 -8.76
N GLY A 27 2.26 10.86 -8.20
CA GLY A 27 2.59 10.83 -6.76
C GLY A 27 2.78 9.42 -6.23
N GLU A 28 2.92 9.33 -4.91
CA GLU A 28 3.20 8.08 -4.18
C GLU A 28 1.86 7.53 -3.69
N GLU A 29 1.61 6.28 -4.06
CA GLU A 29 0.44 5.50 -3.59
C GLU A 29 0.99 4.14 -3.14
N ASP A 30 0.63 3.73 -1.92
CA ASP A 30 1.04 2.43 -1.32
C ASP A 30 2.57 2.26 -1.46
N GLY A 31 3.34 3.34 -1.30
CA GLY A 31 4.81 3.31 -1.24
C GLY A 31 5.46 3.31 -2.61
N VAL A 32 4.67 3.39 -3.68
CA VAL A 32 5.17 3.38 -5.09
C VAL A 32 4.91 4.74 -5.72
N TYR A 33 5.96 5.36 -6.26
CA TYR A 33 5.87 6.64 -7.01
C TYR A 33 5.64 6.36 -8.51
N GLY A 34 4.60 6.95 -9.07
CA GLY A 34 4.40 6.98 -10.53
C GLY A 34 3.08 7.60 -10.95
N LEU A 35 2.57 7.13 -12.09
CA LEU A 35 1.38 7.68 -12.76
C LEU A 35 0.20 6.75 -12.49
N ILE A 36 -0.88 7.30 -11.95
CA ILE A 36 -2.19 6.63 -11.83
C ILE A 36 -3.03 7.03 -13.05
N LEU A 37 -3.49 6.06 -13.83
CA LEU A 37 -4.48 6.29 -14.90
C LEU A 37 -5.84 5.85 -14.36
N GLU A 38 -6.79 6.79 -14.26
CA GLU A 38 -8.15 6.52 -13.71
C GLU A 38 -8.91 5.59 -14.68
N SER A 39 -9.89 4.86 -14.15
CA SER A 39 -10.67 3.84 -14.90
C SER A 39 -11.59 4.54 -15.92
N TRP A 40 -11.95 3.81 -16.97
CA TRP A 40 -12.92 4.22 -18.01
C TRP A 40 -14.26 3.61 -17.65
N GLY A 41 -15.28 4.46 -17.46
CA GLY A 41 -16.67 4.04 -17.18
C GLY A 41 -17.25 4.79 -15.99
N PRO A 42 -18.60 4.89 -15.87
CA PRO A 42 -19.51 4.38 -16.88
C PRO A 42 -19.60 5.30 -18.10
N GLY A 43 -20.06 4.78 -19.23
CA GLY A 43 -20.16 5.51 -20.51
C GLY A 43 -18.86 6.22 -20.85
N ASP A 44 -18.90 7.55 -20.99
CA ASP A 44 -17.80 8.35 -21.59
C ASP A 44 -16.77 8.79 -20.54
N ARG A 45 -16.96 8.45 -19.25
CA ARG A 45 -15.97 8.79 -18.19
C ARG A 45 -14.61 8.16 -18.55
N ASN A 46 -13.61 8.99 -18.85
CA ASN A 46 -12.21 8.61 -19.21
C ASN A 46 -12.20 7.65 -20.42
N LYS A 47 -13.01 7.94 -21.43
N LYS A 47 -13.02 7.93 -21.43
CA LYS A 47 -13.19 7.07 -22.63
CA LYS A 47 -13.20 7.06 -22.62
C LYS A 47 -11.93 7.04 -23.51
C LYS A 47 -11.92 7.02 -23.49
N ASP A 48 -10.97 7.94 -23.27
CA ASP A 48 -9.70 8.00 -24.07
C ASP A 48 -8.58 7.20 -23.38
N TYR A 49 -8.94 6.39 -22.39
CA TYR A 49 -8.05 5.51 -21.58
C TYR A 49 -6.99 4.84 -22.48
N ASN A 50 -7.43 4.09 -23.50
CA ASN A 50 -6.55 3.22 -24.33
C ASN A 50 -5.62 4.10 -25.18
N ILE A 51 -6.16 5.17 -25.76
CA ILE A 51 -5.39 6.17 -26.58
C ILE A 51 -4.33 6.81 -25.67
N ALA A 52 -4.74 7.22 -24.47
CA ALA A 52 -3.84 7.89 -23.50
C ALA A 52 -2.71 6.92 -23.11
N LEU A 53 -3.06 5.65 -22.87
CA LEU A 53 -2.08 4.63 -22.42
C LEU A 53 -1.10 4.31 -23.56
N ASP A 54 -1.58 4.26 -24.81
CA ASP A 54 -0.71 4.11 -26.02
C ASP A 54 0.32 5.25 -26.06
N TYR A 55 -0.12 6.49 -25.84
CA TYR A 55 0.75 7.70 -25.81
C TYR A 55 1.78 7.57 -24.68
N ILE A 56 1.33 7.25 -23.47
CA ILE A 56 2.21 7.06 -22.29
C ILE A 56 3.31 6.04 -22.65
N ILE A 57 2.95 4.89 -23.22
CA ILE A 57 3.91 3.80 -23.56
C ILE A 57 4.90 4.30 -24.63
N GLU A 58 4.38 4.95 -25.67
CA GLU A 58 5.21 5.52 -26.78
C GLU A 58 6.24 6.49 -26.20
N ARG A 59 5.81 7.39 -25.31
CA ARG A 59 6.66 8.48 -24.78
C ARG A 59 7.67 7.93 -23.79
N LEU A 60 7.28 6.93 -22.99
CA LEU A 60 8.21 6.26 -22.06
C LEU A 60 9.36 5.66 -22.90
N VAL A 61 9.02 4.99 -24.00
CA VAL A 61 10.02 4.29 -24.85
C VAL A 61 10.96 5.33 -25.47
N ASP A 62 10.40 6.44 -25.98
N ASP A 62 10.41 6.44 -25.98
CA ASP A 62 11.14 7.56 -26.60
CA ASP A 62 11.19 7.55 -26.60
C ASP A 62 12.08 8.20 -25.55
C ASP A 62 12.11 8.19 -25.55
N SER A 63 11.71 8.17 -24.27
CA SER A 63 12.51 8.74 -23.14
C SER A 63 13.59 7.75 -22.67
N GLY A 64 13.73 6.58 -23.28
CA GLY A 64 14.78 5.59 -22.96
C GLY A 64 14.34 4.59 -21.90
N VAL A 65 13.05 4.54 -21.55
CA VAL A 65 12.50 3.56 -20.57
C VAL A 65 12.10 2.30 -21.35
N SER A 66 12.58 1.14 -20.91
CA SER A 66 12.33 -0.16 -21.57
C SER A 66 11.41 -1.05 -20.71
N GLN A 67 11.41 -0.86 -19.38
CA GLN A 67 10.59 -1.69 -18.45
C GLN A 67 9.92 -0.81 -17.38
N VAL A 68 8.72 -1.21 -16.96
CA VAL A 68 7.93 -0.54 -15.90
C VAL A 68 7.42 -1.62 -14.93
N VAL A 69 6.76 -1.19 -13.85
CA VAL A 69 5.98 -2.07 -12.94
C VAL A 69 4.57 -1.50 -12.89
N VAL A 70 3.57 -2.35 -13.08
CA VAL A 70 2.15 -1.89 -13.20
C VAL A 70 1.33 -2.62 -12.15
N TYR A 71 0.62 -1.86 -11.32
CA TYR A 71 -0.21 -2.39 -10.22
C TYR A 71 -1.68 -2.06 -10.49
N LEU A 72 -2.55 -3.02 -10.24
CA LEU A 72 -4.02 -2.80 -10.19
C LEU A 72 -4.30 -1.93 -8.96
N ALA A 73 -4.94 -0.78 -9.14
CA ALA A 73 -5.12 0.24 -8.09
C ALA A 73 -6.58 0.64 -7.93
N SER A 74 -7.52 -0.21 -8.36
CA SER A 74 -8.97 0.01 -8.16
C SER A 74 -9.27 -0.03 -6.66
N SER A 75 -10.31 0.68 -6.21
CA SER A 75 -10.71 0.72 -4.78
C SER A 75 -10.97 -0.72 -4.31
N SER A 76 -11.63 -1.53 -5.15
CA SER A 76 -12.02 -2.93 -4.84
C SER A 76 -10.78 -3.78 -4.62
N VAL A 77 -9.80 -3.71 -5.52
CA VAL A 77 -8.59 -4.57 -5.42
C VAL A 77 -7.70 -4.10 -4.27
N ARG A 78 -7.55 -2.79 -4.05
CA ARG A 78 -6.76 -2.23 -2.90
C ARG A 78 -7.36 -2.75 -1.59
N LYS A 79 -8.70 -2.80 -1.50
N LYS A 79 -8.69 -2.79 -1.50
CA LYS A 79 -9.46 -3.22 -0.29
CA LYS A 79 -9.43 -3.22 -0.27
C LYS A 79 -9.25 -4.71 -0.03
C LYS A 79 -9.23 -4.72 -0.03
N HIS A 80 -9.43 -5.54 -1.05
CA HIS A 80 -9.52 -7.03 -0.91
C HIS A 80 -8.16 -7.71 -1.07
N MET A 81 -7.19 -7.07 -1.71
CA MET A 81 -5.85 -7.67 -1.95
C MET A 81 -4.78 -6.78 -1.28
N HIS A 82 -4.44 -7.11 -0.04
CA HIS A 82 -3.56 -6.30 0.83
C HIS A 82 -2.13 -6.37 0.29
N SER A 83 -1.73 -7.50 -0.31
CA SER A 83 -0.36 -7.70 -0.84
C SER A 83 -0.18 -6.85 -2.10
N LEU A 84 0.83 -5.97 -2.08
CA LEU A 84 1.22 -5.15 -3.26
C LEU A 84 1.77 -6.05 -4.36
N ASP A 85 2.56 -7.06 -4.00
CA ASP A 85 3.13 -8.03 -4.98
C ASP A 85 1.99 -8.75 -5.72
N GLU A 86 0.84 -9.01 -5.08
CA GLU A 86 -0.33 -9.63 -5.73
C GLU A 86 -1.05 -8.62 -6.64
N ARG A 87 -0.99 -7.31 -6.33
CA ARG A 87 -1.65 -6.24 -7.12
C ARG A 87 -0.84 -5.95 -8.39
N LYS A 88 0.46 -6.31 -8.41
CA LYS A 88 1.29 -6.28 -9.64
C LYS A 88 0.62 -7.18 -10.69
N ILE A 89 0.24 -6.62 -11.84
CA ILE A 89 -0.68 -7.28 -12.81
C ILE A 89 0.09 -8.33 -13.62
N HIS A 90 1.40 -8.15 -13.79
CA HIS A 90 2.25 -9.03 -14.65
C HIS A 90 3.01 -10.01 -13.77
N PRO A 91 3.31 -11.23 -14.28
CA PRO A 91 3.91 -12.28 -13.45
C PRO A 91 5.34 -11.94 -13.00
N GLY A 92 6.14 -11.37 -13.89
CA GLY A 92 7.55 -11.04 -13.60
C GLY A 92 7.71 -9.80 -12.74
N GLU A 93 8.94 -9.50 -12.35
CA GLU A 93 9.35 -8.27 -11.64
C GLU A 93 8.95 -7.04 -12.47
N TYR A 94 9.11 -7.10 -13.79
CA TYR A 94 8.93 -5.96 -14.71
C TYR A 94 8.02 -6.32 -15.88
N PHE A 95 7.44 -5.30 -16.50
CA PHE A 95 6.69 -5.34 -17.76
C PHE A 95 7.50 -4.61 -18.83
N THR A 96 7.72 -5.26 -19.97
CA THR A 96 8.61 -4.77 -21.06
C THR A 96 7.77 -3.94 -22.04
N LEU A 97 8.24 -2.72 -22.36
CA LEU A 97 7.56 -1.75 -23.24
C LEU A 97 8.09 -1.82 -24.68
N ILE A 98 9.24 -2.47 -24.93
CA ILE A 98 9.91 -2.47 -26.26
C ILE A 98 9.66 -3.82 -26.96
N GLY A 99 9.75 -3.81 -28.30
CA GLY A 99 9.70 -5.00 -29.16
C GLY A 99 8.34 -5.20 -29.82
N ASN A 100 7.53 -4.13 -29.88
CA ASN A 100 6.15 -4.14 -30.44
C ASN A 100 5.65 -2.69 -30.51
N SER A 101 4.64 -2.42 -31.33
CA SER A 101 3.96 -1.10 -31.41
C SER A 101 3.39 -0.79 -30.03
N PRO A 102 3.33 0.49 -29.63
CA PRO A 102 2.68 0.88 -28.37
C PRO A 102 1.30 0.22 -28.17
N ARG A 103 0.49 0.10 -29.23
CA ARG A 103 -0.86 -0.52 -29.15
C ARG A 103 -0.72 -1.99 -28.73
N ASP A 104 0.20 -2.75 -29.32
CA ASP A 104 0.35 -4.19 -29.03
C ASP A 104 0.93 -4.38 -27.62
N ILE A 105 1.83 -3.50 -27.19
CA ILE A 105 2.35 -3.49 -25.80
C ILE A 105 1.16 -3.23 -24.85
N ARG A 106 0.33 -2.25 -25.19
CA ARG A 106 -0.83 -1.84 -24.36
C ARG A 106 -1.82 -3.01 -24.26
N LEU A 107 -2.07 -3.74 -25.37
CA LEU A 107 -3.02 -4.88 -25.41
C LEU A 107 -2.54 -5.95 -24.43
N LYS A 108 -1.24 -6.23 -24.42
CA LYS A 108 -0.61 -7.20 -23.50
C LYS A 108 -0.75 -6.69 -22.06
N MET A 109 -0.38 -5.43 -21.81
CA MET A 109 -0.46 -4.82 -20.45
C MET A 109 -1.89 -4.97 -19.90
N CYS A 110 -2.89 -4.56 -20.68
CA CYS A 110 -4.30 -4.46 -20.23
C CYS A 110 -4.96 -5.85 -20.16
N GLY A 111 -4.47 -6.82 -20.95
CA GLY A 111 -4.87 -8.24 -20.83
C GLY A 111 -4.71 -8.77 -19.41
N TYR A 112 -3.63 -8.38 -18.72
CA TYR A 112 -3.34 -8.80 -17.33
C TYR A 112 -4.45 -8.31 -16.37
N GLN A 113 -5.09 -7.18 -16.66
CA GLN A 113 -6.15 -6.58 -15.79
C GLN A 113 -7.35 -7.53 -15.71
N ALA A 114 -7.58 -8.33 -16.76
CA ALA A 114 -8.74 -9.24 -16.89
C ALA A 114 -8.62 -10.42 -15.91
N TYR A 115 -7.45 -10.63 -15.29
CA TYR A 115 -7.22 -11.71 -14.29
C TYR A 115 -7.67 -11.28 -12.89
N PHE A 116 -8.24 -10.07 -12.72
CA PHE A 116 -8.70 -9.57 -11.40
C PHE A 116 -10.23 -9.44 -11.38
N SER A 117 -10.83 -9.90 -10.29
CA SER A 117 -12.25 -9.62 -9.92
C SER A 117 -12.27 -8.46 -8.92
N ARG A 118 -13.43 -8.17 -8.33
CA ARG A 118 -13.58 -7.22 -7.20
C ARG A 118 -12.76 -7.69 -5.99
N THR A 119 -12.68 -9.00 -5.74
CA THR A 119 -12.22 -9.57 -4.44
C THR A 119 -10.89 -10.33 -4.57
N GLY A 120 -10.43 -10.66 -5.78
CA GLY A 120 -9.21 -11.46 -5.93
C GLY A 120 -8.85 -11.71 -7.38
N ARG A 121 -7.99 -12.70 -7.61
CA ARG A 121 -7.58 -13.17 -8.96
C ARG A 121 -8.60 -14.17 -9.48
N LYS A 122 -8.69 -14.29 -10.81
CA LYS A 122 -9.42 -15.37 -11.52
C LYS A 122 -8.38 -16.36 -12.07
N GLU A 123 -8.79 -17.61 -12.30
CA GLU A 123 -7.96 -18.63 -12.99
C GLU A 123 -8.02 -18.34 -14.49
N ILE A 124 -9.22 -18.04 -15.00
CA ILE A 124 -9.48 -17.66 -16.42
C ILE A 124 -9.75 -16.16 -16.48
N PRO A 125 -9.07 -15.41 -17.37
CA PRO A 125 -9.32 -13.97 -17.52
C PRO A 125 -10.68 -13.69 -18.18
N SER A 126 -11.32 -12.58 -17.79
CA SER A 126 -12.60 -12.09 -18.34
C SER A 126 -12.80 -10.63 -17.93
N GLY A 127 -13.65 -9.90 -18.65
CA GLY A 127 -14.23 -8.63 -18.20
C GLY A 127 -13.37 -7.42 -18.56
N ASN A 128 -13.72 -6.28 -17.97
CA ASN A 128 -13.11 -4.94 -18.19
C ASN A 128 -11.58 -5.03 -18.14
N ARG A 129 -10.90 -4.25 -19.00
CA ARG A 129 -9.42 -4.14 -19.07
C ARG A 129 -9.02 -2.66 -19.06
N THR A 130 -9.84 -1.79 -18.48
CA THR A 130 -9.64 -0.32 -18.44
C THR A 130 -9.81 0.17 -17.01
N LYS A 131 -9.05 -0.41 -16.09
CA LYS A 131 -9.16 -0.20 -14.63
C LYS A 131 -8.14 0.83 -14.17
N ARG A 132 -8.36 1.39 -12.97
CA ARG A 132 -7.40 2.28 -12.29
C ARG A 132 -6.09 1.51 -12.10
N ILE A 133 -4.99 2.00 -12.68
CA ILE A 133 -3.66 1.34 -12.63
C ILE A 133 -2.62 2.36 -12.19
N LEU A 134 -1.59 1.87 -11.49
CA LEU A 134 -0.41 2.65 -11.07
C LEU A 134 0.77 2.14 -11.89
N ILE A 135 1.43 3.04 -12.63
CA ILE A 135 2.62 2.71 -13.46
C ILE A 135 3.85 3.35 -12.79
N ASN A 136 4.84 2.51 -12.48
CA ASN A 136 6.12 2.92 -11.85
C ASN A 136 7.24 2.73 -12.87
N VAL A 137 8.15 3.71 -12.96
CA VAL A 137 9.47 3.59 -13.64
C VAL A 137 10.51 3.50 -12.53
N PRO A 138 11.17 2.33 -12.36
CA PRO A 138 12.21 2.18 -11.33
C PRO A 138 13.25 3.30 -11.38
N GLY A 139 13.53 3.92 -10.23
CA GLY A 139 14.53 4.99 -10.06
C GLY A 139 14.00 6.38 -10.37
N ILE A 140 12.73 6.51 -10.78
CA ILE A 140 12.08 7.84 -11.01
C ILE A 140 11.19 8.15 -9.80
N TYR A 141 11.46 9.26 -9.12
CA TYR A 141 10.73 9.74 -7.92
C TYR A 141 10.25 11.19 -8.14
N SER A 142 10.41 11.72 -9.36
CA SER A 142 10.24 13.15 -9.74
C SER A 142 8.96 13.32 -10.57
N ASP A 143 8.15 14.35 -10.27
CA ASP A 143 6.90 14.62 -11.02
C ASP A 143 7.21 15.18 -12.41
N SER A 144 8.34 15.88 -12.60
N SER A 144 8.34 15.88 -12.60
CA SER A 144 8.69 16.57 -13.87
CA SER A 144 8.69 16.57 -13.87
C SER A 144 8.87 15.57 -15.01
C SER A 144 8.86 15.56 -15.00
N PHE A 145 9.50 14.42 -14.74
CA PHE A 145 9.62 13.30 -15.72
C PHE A 145 8.22 12.89 -16.21
N TRP A 146 7.32 12.59 -15.27
CA TRP A 146 5.94 12.12 -15.55
C TRP A 146 5.10 13.23 -16.18
N ALA A 147 5.31 14.49 -15.77
CA ALA A 147 4.68 15.69 -16.36
C ALA A 147 4.95 15.73 -17.88
N SER A 148 6.20 15.47 -18.30
CA SER A 148 6.60 15.51 -19.72
C SER A 148 6.01 14.30 -20.48
N ILE A 149 5.80 13.16 -19.82
CA ILE A 149 5.16 11.97 -20.44
C ILE A 149 3.69 12.31 -20.80
N ILE A 150 2.92 12.87 -19.86
CA ILE A 150 1.46 13.06 -20.05
C ILE A 150 1.21 14.30 -20.92
N ARG A 151 2.13 15.26 -20.92
CA ARG A 151 2.03 16.56 -21.65
C ARG A 151 2.25 16.36 -23.14
N GLY A 152 3.18 15.46 -23.51
CA GLY A 152 3.50 15.10 -24.91
C GLY A 152 4.70 15.86 -25.44
N GLU B 8 -6.42 -18.48 8.95
CA GLU B 8 -6.48 -18.44 10.44
C GLU B 8 -5.45 -17.42 10.96
N PHE B 9 -5.81 -16.68 12.01
CA PHE B 9 -4.90 -15.70 12.68
C PHE B 9 -3.92 -16.43 13.59
N MET B 10 -2.71 -15.89 13.71
CA MET B 10 -1.79 -16.22 14.83
C MET B 10 -2.22 -15.39 16.04
N HIS B 11 -1.76 -15.76 17.23
CA HIS B 11 -2.06 -15.05 18.50
C HIS B 11 -0.74 -14.77 19.24
N VAL B 12 -0.65 -13.63 19.91
CA VAL B 12 0.51 -13.30 20.78
C VAL B 12 0.37 -14.13 22.06
N PHE B 13 1.49 -14.63 22.58
CA PHE B 13 1.58 -15.44 23.81
C PHE B 13 2.27 -14.60 24.88
N ASP B 14 1.84 -14.76 26.13
CA ASP B 14 2.49 -14.10 27.29
C ASP B 14 3.79 -14.85 27.61
N ASN B 15 4.49 -14.44 28.67
CA ASN B 15 5.82 -14.99 29.05
C ASN B 15 5.66 -16.32 29.78
N ASN B 16 4.41 -16.76 30.06
CA ASN B 16 4.11 -18.12 30.58
C ASN B 16 3.71 -19.05 29.44
N GLY B 17 3.75 -18.57 28.19
CA GLY B 17 3.41 -19.37 27.00
C GLY B 17 1.93 -19.63 26.90
N ILE B 18 1.10 -18.72 27.42
CA ILE B 18 -0.39 -18.79 27.34
C ILE B 18 -0.86 -17.84 26.25
N GLU B 19 -1.78 -18.31 25.41
CA GLU B 19 -2.35 -17.56 24.26
C GLU B 19 -3.16 -16.37 24.79
N LEU B 20 -2.88 -15.17 24.27
CA LEU B 20 -3.66 -13.94 24.55
C LEU B 20 -4.80 -13.82 23.53
N LYS B 21 -5.82 -13.05 23.87
CA LYS B 21 -6.88 -12.57 22.95
C LYS B 21 -6.29 -11.42 22.14
N ALA B 22 -5.42 -11.74 21.18
CA ALA B 22 -4.73 -10.73 20.34
C ALA B 22 -4.33 -11.37 19.01
N GLU B 23 -5.22 -11.24 18.02
CA GLU B 23 -5.01 -11.75 16.64
C GLU B 23 -3.91 -10.92 16.00
N CYS B 24 -3.03 -11.60 15.27
CA CYS B 24 -1.97 -10.97 14.46
C CYS B 24 -1.65 -11.89 13.28
N SER B 25 -0.88 -11.40 12.33
CA SER B 25 -0.38 -12.19 11.19
C SER B 25 0.95 -11.62 10.72
N ILE B 26 1.72 -12.44 9.99
CA ILE B 26 3.03 -12.06 9.43
C ILE B 26 2.89 -12.04 7.91
N GLY B 27 3.34 -10.96 7.26
CA GLY B 27 3.33 -10.92 5.79
C GLY B 27 3.54 -9.52 5.27
N GLU B 28 3.46 -9.42 3.94
CA GLU B 28 3.68 -8.17 3.18
C GLU B 28 2.30 -7.58 2.91
N GLU B 29 2.13 -6.34 3.31
CA GLU B 29 0.93 -5.55 3.02
C GLU B 29 1.41 -4.22 2.45
N ASP B 30 0.91 -3.84 1.27
CA ASP B 30 1.21 -2.54 0.63
C ASP B 30 2.74 -2.39 0.51
N GLY B 31 3.47 -3.49 0.24
CA GLY B 31 4.92 -3.48 -0.04
C GLY B 31 5.78 -3.54 1.21
N VAL B 32 5.17 -3.57 2.41
CA VAL B 32 5.90 -3.53 3.70
C VAL B 32 5.71 -4.88 4.41
N TYR B 33 6.81 -5.51 4.77
CA TYR B 33 6.80 -6.84 5.43
C TYR B 33 6.89 -6.65 6.95
N GLY B 34 6.01 -7.31 7.70
CA GLY B 34 6.10 -7.35 9.16
C GLY B 34 4.89 -7.93 9.84
N LEU B 35 4.58 -7.42 11.04
CA LEU B 35 3.56 -7.96 11.96
C LEU B 35 2.31 -7.06 11.90
N ILE B 36 1.15 -7.65 11.58
CA ILE B 36 -0.15 -6.94 11.65
C ILE B 36 -0.82 -7.36 12.95
N LEU B 37 -1.09 -6.38 13.82
CA LEU B 37 -1.85 -6.59 15.08
C LEU B 37 -3.28 -6.10 14.80
N GLU B 38 -4.26 -6.98 14.93
CA GLU B 38 -5.68 -6.68 14.62
C GLU B 38 -6.26 -5.79 15.73
N SER B 39 -7.28 -5.01 15.40
CA SER B 39 -7.95 -4.02 16.27
C SER B 39 -8.66 -4.71 17.44
N TRP B 40 -8.76 -3.99 18.55
CA TRP B 40 -9.56 -4.37 19.75
C TRP B 40 -10.94 -3.76 19.61
N GLY B 41 -11.97 -4.61 19.59
CA GLY B 41 -13.38 -4.22 19.64
C GLY B 41 -14.18 -4.87 18.52
N PRO B 42 -15.53 -4.86 18.59
CA PRO B 42 -16.23 -4.37 19.77
C PRO B 42 -16.12 -5.35 20.95
N GLY B 43 -16.42 -4.87 22.16
CA GLY B 43 -16.38 -5.68 23.39
C GLY B 43 -15.02 -6.34 23.57
N ASP B 44 -14.98 -7.67 23.62
CA ASP B 44 -13.80 -8.47 24.05
C ASP B 44 -12.97 -8.94 22.85
N ARG B 45 -13.36 -8.61 21.62
CA ARG B 45 -12.59 -8.99 20.40
C ARG B 45 -11.19 -8.38 20.54
N ASN B 46 -10.16 -9.23 20.69
CA ASN B 46 -8.73 -8.83 20.77
C ASN B 46 -8.51 -7.86 21.95
N LYS B 47 -9.10 -8.16 23.12
N LYS B 47 -9.11 -8.17 23.11
CA LYS B 47 -9.08 -7.28 24.31
CA LYS B 47 -9.09 -7.29 24.32
C LYS B 47 -7.70 -7.27 25.00
C LYS B 47 -7.70 -7.27 24.97
N ASP B 48 -6.79 -8.17 24.57
CA ASP B 48 -5.39 -8.22 25.08
C ASP B 48 -4.43 -7.44 24.17
N TYR B 49 -4.97 -6.64 23.24
CA TYR B 49 -4.18 -5.80 22.29
C TYR B 49 -2.99 -5.13 23.00
N ASN B 50 -3.24 -4.38 24.07
CA ASN B 50 -2.22 -3.52 24.74
C ASN B 50 -1.12 -4.39 25.38
N ILE B 51 -1.48 -5.51 26.03
N ILE B 51 -1.52 -5.48 26.05
CA ILE B 51 -0.47 -6.38 26.71
CA ILE B 51 -0.62 -6.47 26.71
C ILE B 51 0.27 -7.20 25.64
C ILE B 51 0.24 -7.15 25.64
N ALA B 52 -0.39 -7.59 24.56
CA ALA B 52 0.25 -8.23 23.38
C ALA B 52 1.33 -7.29 22.81
N LEU B 53 1.01 -6.02 22.61
CA LEU B 53 1.93 -5.02 22.01
C LEU B 53 3.07 -4.73 23.00
N ASP B 54 2.80 -4.73 24.31
CA ASP B 54 3.83 -4.63 25.37
C ASP B 54 4.85 -5.77 25.17
N TYR B 55 4.39 -7.01 25.04
CA TYR B 55 5.26 -8.21 24.88
C TYR B 55 6.05 -8.08 23.56
N ILE B 56 5.39 -7.67 22.49
CA ILE B 56 6.01 -7.46 21.15
C ILE B 56 7.18 -6.50 21.30
N ILE B 57 6.96 -5.35 21.95
CA ILE B 57 8.01 -4.30 22.12
C ILE B 57 9.14 -4.85 22.98
N GLU B 58 8.81 -5.50 24.08
CA GLU B 58 9.81 -6.12 24.99
C GLU B 58 10.70 -7.07 24.19
N ARG B 59 10.11 -7.94 23.37
CA ARG B 59 10.87 -9.00 22.64
C ARG B 59 11.67 -8.36 21.50
N LEU B 60 11.13 -7.35 20.83
CA LEU B 60 11.89 -6.62 19.79
C LEU B 60 13.15 -6.03 20.42
N VAL B 61 13.03 -5.39 21.59
CA VAL B 61 14.19 -4.73 22.27
C VAL B 61 15.25 -5.80 22.61
N ASP B 62 14.83 -6.93 23.20
CA ASP B 62 15.75 -8.03 23.60
C ASP B 62 16.34 -8.74 22.38
N SER B 63 15.69 -8.61 21.22
CA SER B 63 16.17 -9.15 19.91
C SER B 63 17.00 -8.08 19.17
N GLY B 64 17.35 -6.98 19.84
CA GLY B 64 18.35 -6.00 19.38
C GLY B 64 17.75 -4.91 18.49
N VAL B 65 16.41 -4.79 18.44
CA VAL B 65 15.72 -3.80 17.58
C VAL B 65 15.51 -2.52 18.39
N SER B 66 16.00 -1.38 17.88
CA SER B 66 15.84 -0.03 18.47
C SER B 66 14.87 0.82 17.64
N GLN B 67 14.64 0.49 16.37
CA GLN B 67 13.83 1.33 15.44
C GLN B 67 12.84 0.47 14.65
N VAL B 68 11.59 0.90 14.65
CA VAL B 68 10.50 0.28 13.87
C VAL B 68 9.82 1.36 13.03
N VAL B 69 9.03 0.93 12.06
CA VAL B 69 8.08 1.79 11.29
C VAL B 69 6.68 1.22 11.52
N VAL B 70 5.76 2.05 12.01
CA VAL B 70 4.39 1.61 12.32
C VAL B 70 3.43 2.33 11.38
N TYR B 71 2.57 1.57 10.70
CA TYR B 71 1.56 2.08 9.75
C TYR B 71 0.16 1.76 10.29
N LEU B 72 -0.73 2.75 10.24
CA LEU B 72 -2.19 2.54 10.45
C LEU B 72 -2.71 1.72 9.27
N ALA B 73 -3.36 0.58 9.53
CA ALA B 73 -3.72 -0.43 8.52
C ALA B 73 -5.18 -0.83 8.65
N SER B 74 -6.02 0.04 9.22
CA SER B 74 -7.49 -0.16 9.31
C SER B 74 -8.05 -0.11 7.89
N SER B 75 -9.16 -0.81 7.63
CA SER B 75 -9.82 -0.79 6.31
C SER B 75 -10.13 0.67 5.92
N SER B 76 -10.59 1.50 6.86
CA SER B 76 -11.00 2.90 6.59
C SER B 76 -9.79 3.72 6.14
N VAL B 77 -8.69 3.63 6.87
CA VAL B 77 -7.48 4.45 6.60
C VAL B 77 -6.82 3.99 5.30
N ARG B 78 -6.75 2.67 5.04
CA ARG B 78 -6.18 2.14 3.77
C ARG B 78 -7.00 2.64 2.58
N LYS B 79 -8.32 2.76 2.76
N LYS B 79 -8.32 2.76 2.76
CA LYS B 79 -9.28 3.16 1.70
CA LYS B 79 -9.26 3.16 1.68
C LYS B 79 -9.14 4.66 1.40
C LYS B 79 -9.12 4.66 1.40
N HIS B 80 -9.11 5.49 2.45
CA HIS B 80 -9.19 6.96 2.34
C HIS B 80 -7.81 7.62 2.26
N MET B 81 -6.74 6.97 2.69
CA MET B 81 -5.37 7.57 2.72
C MET B 81 -4.45 6.72 1.83
N HIS B 82 -4.32 7.10 0.56
CA HIS B 82 -3.63 6.28 -0.47
C HIS B 82 -2.11 6.33 -0.24
N SER B 83 -1.60 7.43 0.33
CA SER B 83 -0.16 7.60 0.63
C SER B 83 0.22 6.71 1.81
N LEU B 84 1.17 5.80 1.60
CA LEU B 84 1.73 4.95 2.67
C LEU B 84 2.50 5.83 3.67
N ASP B 85 3.17 6.89 3.19
CA ASP B 85 3.93 7.84 4.04
C ASP B 85 2.96 8.53 5.02
N GLU B 86 1.73 8.79 4.59
CA GLU B 86 0.71 9.45 5.45
C GLU B 86 0.09 8.42 6.41
N ARG B 87 0.10 7.13 6.08
CA ARG B 87 -0.46 6.08 6.98
C ARG B 87 0.58 5.75 8.08
N LYS B 88 1.84 6.10 7.89
CA LYS B 88 2.88 6.02 8.94
C LYS B 88 2.43 6.88 10.13
N ILE B 89 2.26 6.30 11.32
CA ILE B 89 1.55 6.97 12.45
C ILE B 89 2.47 8.02 13.11
N HIS B 90 3.78 7.85 13.02
CA HIS B 90 4.79 8.71 13.67
C HIS B 90 5.40 9.63 12.62
N PRO B 91 5.78 10.88 13.00
CA PRO B 91 6.20 11.88 12.02
C PRO B 91 7.61 11.63 11.46
N GLY B 92 8.49 11.03 12.25
CA GLY B 92 9.84 10.68 11.80
C GLY B 92 9.82 9.45 10.91
N GLU B 93 10.96 9.17 10.27
CA GLU B 93 11.22 7.96 9.46
C GLU B 93 10.92 6.72 10.32
N TYR B 94 11.39 6.73 11.56
CA TYR B 94 11.31 5.59 12.51
C TYR B 94 10.66 6.02 13.82
N PHE B 95 10.08 5.05 14.51
CA PHE B 95 9.70 5.11 15.94
C PHE B 95 10.78 4.36 16.72
N THR B 96 11.35 5.01 17.73
CA THR B 96 12.49 4.48 18.53
C THR B 96 11.94 3.73 19.75
N LEU B 97 12.36 2.48 19.94
CA LEU B 97 11.98 1.67 21.13
C LEU B 97 12.91 2.03 22.30
N ILE B 98 12.74 3.25 22.84
CA ILE B 98 13.46 3.76 24.04
C ILE B 98 12.40 4.36 24.96
N GLY B 99 12.45 3.97 26.24
CA GLY B 99 11.48 4.40 27.26
C GLY B 99 11.76 3.70 28.57
N ASN B 100 11.04 4.09 29.62
N ASN B 100 11.03 4.08 29.62
CA ASN B 100 11.20 3.58 31.01
CA ASN B 100 11.22 3.58 31.00
C ASN B 100 10.83 2.10 31.05
C ASN B 100 10.81 2.09 31.06
N SER B 101 9.93 1.67 30.16
CA SER B 101 9.43 0.27 30.09
C SER B 101 8.78 -0.01 28.73
N PRO B 102 8.65 -1.30 28.33
CA PRO B 102 7.85 -1.65 27.15
C PRO B 102 6.48 -0.95 27.14
N ARG B 103 5.75 -0.99 28.26
CA ARG B 103 4.42 -0.35 28.40
C ARG B 103 4.52 1.16 28.11
N ASP B 104 5.57 1.83 28.57
CA ASP B 104 5.75 3.30 28.35
C ASP B 104 5.96 3.57 26.86
N ILE B 105 6.77 2.71 26.19
CA ILE B 105 7.01 2.79 24.72
C ILE B 105 5.66 2.58 24.02
N ARG B 106 4.92 1.55 24.41
CA ARG B 106 3.59 1.23 23.81
C ARG B 106 2.66 2.43 23.96
N LEU B 107 2.66 3.09 25.12
CA LEU B 107 1.75 4.24 25.37
C LEU B 107 2.03 5.36 24.36
N LYS B 108 3.31 5.67 24.12
N LYS B 108 3.30 5.68 24.11
CA LYS B 108 3.76 6.70 23.14
CA LYS B 108 3.69 6.73 23.13
C LYS B 108 3.40 6.24 21.72
C LYS B 108 3.38 6.25 21.71
N MET B 109 3.69 4.99 21.38
CA MET B 109 3.38 4.42 20.05
C MET B 109 1.88 4.58 19.75
N CYS B 110 1.01 4.24 20.70
CA CYS B 110 -0.45 4.16 20.45
C CYS B 110 -1.10 5.55 20.50
N GLY B 111 -0.48 6.52 21.17
CA GLY B 111 -0.93 7.93 21.15
C GLY B 111 -1.05 8.45 19.73
N TYR B 112 -0.13 8.05 18.84
CA TYR B 112 -0.11 8.47 17.42
C TYR B 112 -1.37 8.02 16.69
N GLN B 113 -1.98 6.90 17.08
CA GLN B 113 -3.17 6.32 16.41
C GLN B 113 -4.38 7.28 16.54
N ALA B 114 -4.45 8.06 17.63
CA ALA B 114 -5.56 9.00 17.92
C ALA B 114 -5.55 10.20 16.98
N TYR B 115 -4.50 10.42 16.18
CA TYR B 115 -4.42 11.53 15.20
C TYR B 115 -5.12 11.18 13.89
N PHE B 116 -5.65 9.95 13.77
CA PHE B 116 -6.37 9.46 12.56
C PHE B 116 -7.87 9.36 12.84
N SER B 117 -8.68 9.74 11.84
CA SER B 117 -10.13 9.45 11.74
C SER B 117 -10.33 8.30 10.74
N ARG B 118 -11.58 8.03 10.33
CA ARG B 118 -11.93 7.11 9.23
C ARG B 118 -11.32 7.61 7.91
N THR B 119 -11.24 8.93 7.70
CA THR B 119 -11.01 9.53 6.37
C THR B 119 -9.66 10.25 6.29
N GLY B 120 -9.01 10.55 7.41
CA GLY B 120 -7.75 11.32 7.35
C GLY B 120 -7.16 11.58 8.72
N ARG B 121 -6.39 12.67 8.82
N ARG B 121 -6.42 12.68 8.83
CA ARG B 121 -5.70 13.11 10.06
CA ARG B 121 -5.71 13.09 10.07
C ARG B 121 -6.59 14.11 10.81
C ARG B 121 -6.55 14.14 10.81
N LYS B 122 -6.39 14.22 12.13
CA LYS B 122 -7.07 15.22 13.00
C LYS B 122 -6.04 16.28 13.40
N GLU B 123 -6.48 17.51 13.67
CA GLU B 123 -5.66 18.55 14.33
C GLU B 123 -5.53 18.20 15.81
N ILE B 124 -6.64 17.81 16.42
CA ILE B 124 -6.75 17.43 17.86
C ILE B 124 -6.86 15.92 17.94
N PRO B 125 -5.95 15.22 18.62
CA PRO B 125 -6.03 13.77 18.72
C PRO B 125 -7.14 13.39 19.71
N SER B 126 -7.87 12.31 19.40
CA SER B 126 -9.03 11.83 20.20
C SER B 126 -9.36 10.40 19.80
N GLY B 127 -10.01 9.67 20.72
CA GLY B 127 -10.68 8.40 20.40
C GLY B 127 -9.75 7.21 20.48
N ASN B 128 -10.17 6.11 19.85
CA ASN B 128 -9.58 4.76 19.96
C ASN B 128 -8.08 4.82 19.64
N ARG B 129 -7.28 4.07 20.39
CA ARG B 129 -5.82 3.90 20.18
C ARG B 129 -5.46 2.41 20.06
N THR B 130 -6.40 1.56 19.61
CA THR B 130 -6.20 0.08 19.54
C THR B 130 -6.61 -0.40 18.14
N LYS B 131 -6.07 0.24 17.10
CA LYS B 131 -6.47 0.00 15.69
C LYS B 131 -5.54 -1.04 15.04
N ARG B 132 -5.95 -1.58 13.89
CA ARG B 132 -5.13 -2.50 13.07
C ARG B 132 -3.86 -1.76 12.66
N ILE B 133 -2.69 -2.27 13.06
CA ILE B 133 -1.39 -1.62 12.73
C ILE B 133 -0.47 -2.64 12.10
N LEU B 134 0.44 -2.14 11.26
CA LEU B 134 1.50 -2.93 10.62
C LEU B 134 2.83 -2.43 11.18
N ILE B 135 3.56 -3.32 11.85
CA ILE B 135 4.88 -3.03 12.46
C ILE B 135 5.98 -3.64 11.57
N ASN B 136 6.85 -2.80 11.05
CA ASN B 136 7.96 -3.19 10.16
C ASN B 136 9.28 -2.99 10.89
N VAL B 137 10.24 -3.90 10.71
CA VAL B 137 11.67 -3.70 11.08
C VAL B 137 12.47 -3.74 9.80
N PRO B 138 13.08 -2.61 9.39
CA PRO B 138 13.88 -2.55 8.17
C PRO B 138 14.97 -3.63 8.18
N GLY B 139 15.12 -4.34 7.07
CA GLY B 139 16.15 -5.39 6.88
C GLY B 139 15.71 -6.74 7.44
N ILE B 140 14.54 -6.84 8.02
CA ILE B 140 14.01 -8.15 8.50
C ILE B 140 12.94 -8.63 7.52
N TYR B 141 13.14 -9.84 6.97
CA TYR B 141 12.20 -10.52 6.03
C TYR B 141 11.93 -11.96 6.50
N SER B 142 12.20 -12.27 7.78
CA SER B 142 12.11 -13.64 8.35
C SER B 142 10.78 -13.85 9.08
N ASP B 143 10.01 -14.85 8.64
CA ASP B 143 8.76 -15.29 9.31
C ASP B 143 9.08 -15.81 10.71
N SER B 144 10.18 -16.55 10.85
CA SER B 144 10.54 -17.23 12.13
C SER B 144 11.03 -16.17 13.14
N PHE B 145 11.65 -15.09 12.67
CA PHE B 145 11.97 -13.92 13.54
C PHE B 145 10.66 -13.41 14.13
N TRP B 146 9.70 -13.05 13.28
CA TRP B 146 8.42 -12.47 13.75
C TRP B 146 7.64 -13.47 14.61
N ALA B 147 7.70 -14.77 14.26
CA ALA B 147 7.06 -15.84 15.05
C ALA B 147 7.68 -15.88 16.46
N SER B 148 8.99 -15.67 16.59
CA SER B 148 9.68 -15.64 17.92
C SER B 148 9.16 -14.45 18.74
N ILE B 149 8.88 -13.33 18.08
CA ILE B 149 8.35 -12.08 18.73
C ILE B 149 6.94 -12.36 19.23
N ILE B 150 6.11 -13.01 18.43
CA ILE B 150 4.68 -13.33 18.74
C ILE B 150 4.62 -14.34 19.90
N ARG B 151 5.43 -15.40 19.83
N ARG B 151 5.42 -15.41 19.83
CA ARG B 151 5.33 -16.60 20.70
CA ARG B 151 5.32 -16.60 20.73
C ARG B 151 6.20 -16.44 21.96
C ARG B 151 6.20 -16.42 21.98
N GLY B 152 7.32 -15.72 21.86
CA GLY B 152 8.28 -15.54 22.97
C GLY B 152 9.06 -16.80 23.26
#